data_3JTP
#
_entry.id   3JTP
#
_cell.length_a   69.518
_cell.length_b   107.270
_cell.length_c   109.607
_cell.angle_alpha   90.00
_cell.angle_beta   90.00
_cell.angle_gamma   90.00
#
_symmetry.space_group_name_H-M   'C 2 2 21'
#
loop_
_entity.id
_entity.type
_entity.pdbx_description
1 polymer 'Adapter protein mecA 1'
2 non-polymer 'IODIDE ION'
3 water water
#
_entity_poly.entity_id   1
_entity_poly.type   'polypeptide(L)'
_entity_poly.pdbx_seq_one_letter_code
;EEKEQKLQFVLRFGDFEDVISLSKLNVNGSKTTLYSFENRYYLYVDFCDMTDEEVENQLSIMLEYANESSISIHRLEEYG
KLIISEHALETIKKHFAS
;
_entity_poly.pdbx_strand_id   A,B,C,D
#
# COMPACT_ATOMS: atom_id res chain seq x y z
N LEU A 7 -6.17 -9.94 -21.75
CA LEU A 7 -7.29 -9.56 -22.62
C LEU A 7 -7.49 -8.03 -22.69
N GLN A 8 -8.39 -7.61 -23.57
CA GLN A 8 -8.60 -6.20 -23.86
C GLN A 8 -9.87 -5.61 -23.25
N PHE A 9 -9.83 -4.33 -22.94
CA PHE A 9 -10.97 -3.64 -22.37
C PHE A 9 -11.07 -2.22 -22.90
N VAL A 10 -12.30 -1.77 -23.12
CA VAL A 10 -12.53 -0.35 -23.26
C VAL A 10 -13.30 0.11 -22.05
N LEU A 11 -12.73 1.07 -21.33
CA LEU A 11 -13.34 1.59 -20.11
C LEU A 11 -13.78 3.03 -20.35
N ARG A 12 -14.96 3.40 -19.85
CA ARG A 12 -15.42 4.75 -20.06
C ARG A 12 -15.39 5.56 -18.78
N PHE A 13 -14.94 6.80 -18.93
CA PHE A 13 -14.84 7.73 -17.80
C PHE A 13 -15.82 8.86 -17.98
N GLY A 14 -16.56 9.18 -16.92
CA GLY A 14 -17.49 10.30 -16.96
C GLY A 14 -16.82 11.66 -17.09
N ASP A 15 -15.58 11.78 -16.63
CA ASP A 15 -14.87 13.03 -16.84
C ASP A 15 -13.36 12.90 -16.73
N PHE A 16 -12.65 13.88 -17.26
CA PHE A 16 -11.21 13.83 -17.31
C PHE A 16 -10.53 13.69 -15.93
N GLU A 17 -11.11 14.27 -14.87
CA GLU A 17 -10.45 14.20 -13.57
C GLU A 17 -10.30 12.75 -13.14
N ASP A 18 -11.27 11.91 -13.48
CA ASP A 18 -11.21 10.52 -13.07
C ASP A 18 -10.11 9.78 -13.83
N VAL A 19 -9.86 10.17 -15.08
CA VAL A 19 -8.70 9.63 -15.81
C VAL A 19 -7.39 10.01 -15.10
N ILE A 20 -7.21 11.29 -14.80
CA ILE A 20 -6.03 11.77 -14.07
C ILE A 20 -5.85 11.00 -12.74
N SER A 21 -6.92 10.92 -11.93
CA SER A 21 -6.93 10.12 -10.70
C SER A 21 -6.42 8.72 -10.93
N LEU A 22 -6.94 8.03 -11.94
CA LEU A 22 -6.49 6.67 -12.23
C LEU A 22 -5.01 6.66 -12.52
N SER A 23 -4.55 7.62 -13.32
CA SER A 23 -3.16 7.64 -13.72
C SER A 23 -2.21 7.79 -12.54
N LYS A 24 -2.62 8.52 -11.51
CA LYS A 24 -1.73 8.77 -10.38
C LYS A 24 -1.44 7.46 -9.66
N LEU A 25 -2.34 6.49 -9.81
CA LEU A 25 -2.26 5.24 -9.06
C LEU A 25 -1.16 4.28 -9.52
N ASN A 26 -0.44 4.65 -10.58
CA ASN A 26 0.58 3.78 -11.13
C ASN A 26 0.08 2.38 -11.45
N VAL A 27 -1.12 2.30 -11.98
CA VAL A 27 -1.73 1.03 -12.39
C VAL A 27 -1.80 1.02 -13.91
N ASN A 28 -1.09 1.96 -14.53
CA ASN A 28 -1.00 1.99 -15.98
C ASN A 28 -0.66 0.60 -16.51
N GLY A 29 -1.72 -0.14 -16.81
CA GLY A 29 -1.67 -1.57 -17.03
C GLY A 29 -1.18 -1.92 -18.40
N SER A 30 0.14 -2.02 -18.52
CA SER A 30 0.78 -2.06 -19.82
C SER A 30 0.04 -1.09 -20.74
N LYS A 31 -0.22 -1.48 -22.00
CA LYS A 31 -0.65 -0.50 -23.00
C LYS A 31 -2.05 0.10 -22.76
N THR A 32 -2.11 1.43 -22.80
CA THR A 32 -3.37 2.13 -22.71
C THR A 32 -3.41 3.18 -23.81
N THR A 33 -4.55 3.27 -24.49
CA THR A 33 -4.79 4.36 -25.45
C THR A 33 -6.04 5.12 -25.02
N LEU A 34 -5.96 6.45 -25.08
CA LEU A 34 -7.05 7.28 -24.60
C LEU A 34 -7.73 8.03 -25.75
N TYR A 35 -9.07 7.98 -25.76
CA TYR A 35 -9.88 8.70 -26.73
C TYR A 35 -10.92 9.57 -26.00
N SER A 36 -11.47 10.58 -26.68
CA SER A 36 -12.74 11.18 -26.23
C SER A 36 -13.81 10.84 -27.24
N PHE A 37 -15.06 10.88 -26.78
CA PHE A 37 -16.19 10.60 -27.64
C PHE A 37 -17.48 11.01 -26.93
N GLU A 38 -18.22 11.93 -27.55
CA GLU A 38 -19.51 12.33 -27.03
C GLU A 38 -19.45 12.72 -25.56
N ASN A 39 -18.49 13.56 -25.18
CA ASN A 39 -18.47 14.12 -23.82
C ASN A 39 -17.84 13.19 -22.80
N ARG A 40 -17.49 11.97 -23.19
CA ARG A 40 -16.82 11.09 -22.26
C ARG A 40 -15.42 10.70 -22.71
N TYR A 41 -14.67 10.05 -21.83
CA TYR A 41 -13.31 9.61 -22.18
C TYR A 41 -13.30 8.10 -22.17
N TYR A 42 -12.53 7.51 -23.08
CA TYR A 42 -12.48 6.07 -23.21
C TYR A 42 -11.03 5.63 -23.20
N LEU A 43 -10.73 4.66 -22.36
CA LEU A 43 -9.37 4.18 -22.24
C LEU A 43 -9.35 2.84 -22.93
N TYR A 44 -8.67 2.73 -24.06
CA TYR A 44 -8.45 1.39 -24.53
C TYR A 44 -7.36 0.73 -23.67
N VAL A 45 -7.66 -0.42 -23.07
CA VAL A 45 -6.72 -1.03 -22.13
C VAL A 45 -6.30 -2.45 -22.52
N ASP A 46 -5.04 -2.60 -22.90
CA ASP A 46 -4.51 -3.90 -23.29
C ASP A 46 -3.54 -4.41 -22.25
N PHE A 47 -3.99 -5.40 -21.49
CA PHE A 47 -3.13 -6.05 -20.50
C PHE A 47 -2.26 -7.12 -21.17
N CYS A 48 -2.04 -6.97 -22.48
CA CYS A 48 -1.47 -8.03 -23.34
C CYS A 48 -0.99 -9.27 -22.60
N ASP A 49 0.18 -9.17 -21.98
CA ASP A 49 0.71 -10.26 -21.18
C ASP A 49 0.93 -9.81 -19.72
N MET A 50 0.00 -10.22 -18.87
CA MET A 50 0.08 -10.01 -17.44
C MET A 50 -0.54 -11.29 -16.93
N THR A 51 -0.61 -11.48 -15.62
CA THR A 51 -1.21 -12.69 -15.13
C THR A 51 -2.62 -12.43 -14.63
N ASP A 52 -3.45 -13.47 -14.71
CA ASP A 52 -4.85 -13.39 -14.29
C ASP A 52 -4.99 -12.85 -12.87
N GLU A 53 -3.86 -12.65 -12.21
CA GLU A 53 -3.88 -12.08 -10.88
C GLU A 53 -3.60 -10.59 -10.95
N GLU A 54 -2.52 -10.21 -11.62
CA GLU A 54 -2.10 -8.82 -11.67
C GLU A 54 -3.25 -8.06 -12.33
N VAL A 55 -3.83 -8.69 -13.34
CA VAL A 55 -4.93 -8.12 -14.10
C VAL A 55 -6.17 -7.87 -13.27
N GLU A 56 -6.52 -8.82 -12.41
CA GLU A 56 -7.73 -8.73 -11.59
C GLU A 56 -7.69 -7.52 -10.68
N ASN A 57 -6.63 -7.39 -9.89
CA ASN A 57 -6.51 -6.28 -8.97
C ASN A 57 -6.33 -4.94 -9.68
N GLN A 58 -5.74 -4.97 -10.88
CA GLN A 58 -5.52 -3.80 -11.70
C GLN A 58 -6.85 -3.28 -12.27
N LEU A 59 -7.58 -4.18 -12.91
CA LEU A 59 -8.88 -3.84 -13.44
C LEU A 59 -9.78 -3.25 -12.38
N SER A 60 -9.82 -3.89 -11.21
CA SER A 60 -10.75 -3.53 -10.15
C SER A 60 -10.53 -2.11 -9.62
N ILE A 61 -9.29 -1.61 -9.67
CA ILE A 61 -9.07 -0.22 -9.32
C ILE A 61 -9.46 0.69 -10.47
N MET A 62 -9.15 0.27 -11.70
CA MET A 62 -9.57 1.05 -12.86
C MET A 62 -11.06 1.27 -12.79
N LEU A 63 -11.79 0.25 -12.33
CA LEU A 63 -13.26 0.32 -12.31
C LEU A 63 -13.82 1.10 -11.14
N GLU A 64 -12.97 1.76 -10.37
CA GLU A 64 -13.50 2.71 -9.39
C GLU A 64 -13.67 4.07 -10.04
N TYR A 65 -12.87 4.30 -11.07
CA TYR A 65 -12.89 5.55 -11.80
C TYR A 65 -13.62 5.44 -13.13
N ALA A 66 -13.91 4.22 -13.56
CA ALA A 66 -14.56 4.00 -14.86
C ALA A 66 -15.57 2.84 -14.89
N ASN A 67 -16.21 2.67 -16.03
CA ASN A 67 -17.15 1.58 -16.25
C ASN A 67 -16.77 0.82 -17.52
N GLU A 68 -17.00 -0.49 -17.56
CA GLU A 68 -16.75 -1.24 -18.79
C GLU A 68 -17.70 -0.78 -19.88
N SER A 69 -17.18 -0.53 -21.07
CA SER A 69 -18.03 -0.10 -22.18
C SER A 69 -18.09 -1.13 -23.30
N SER A 70 -19.20 -1.14 -24.02
CA SER A 70 -19.33 -1.96 -25.21
C SER A 70 -19.01 -1.13 -26.44
N ILE A 71 -18.78 0.17 -26.24
CA ILE A 71 -18.36 1.02 -27.35
C ILE A 71 -17.09 0.47 -28.01
N SER A 72 -17.19 0.11 -29.27
CA SER A 72 -16.09 -0.52 -30.00
C SER A 72 -14.92 0.41 -30.29
N ILE A 73 -13.73 -0.20 -30.24
CA ILE A 73 -12.51 0.50 -30.56
C ILE A 73 -12.52 1.02 -32.01
N HIS A 74 -13.33 0.41 -32.88
CA HIS A 74 -13.48 0.88 -34.27
C HIS A 74 -14.41 2.09 -34.36
N ARG A 75 -15.54 1.99 -33.67
CA ARG A 75 -16.38 3.15 -33.39
C ARG A 75 -15.50 4.36 -33.01
N LEU A 76 -14.75 4.21 -31.92
CA LEU A 76 -13.89 5.28 -31.42
C LEU A 76 -12.87 5.73 -32.46
N GLU A 77 -12.26 4.77 -33.17
CA GLU A 77 -11.19 5.09 -34.12
C GLU A 77 -11.64 6.02 -35.25
N GLU A 78 -12.91 5.96 -35.60
CA GLU A 78 -13.35 6.72 -36.77
C GLU A 78 -14.18 7.94 -36.39
N TYR A 79 -14.81 7.87 -35.21
CA TYR A 79 -15.67 8.95 -34.75
C TYR A 79 -15.23 9.55 -33.39
N GLY A 80 -14.04 9.16 -32.93
CA GLY A 80 -13.51 9.70 -31.70
C GLY A 80 -12.23 10.49 -31.92
N LYS A 81 -11.86 11.32 -30.94
CA LYS A 81 -10.60 12.02 -30.99
C LYS A 81 -9.56 11.18 -30.29
N LEU A 82 -8.50 10.82 -31.00
CA LEU A 82 -7.41 10.10 -30.37
C LEU A 82 -6.58 11.10 -29.60
N ILE A 83 -6.35 10.83 -28.31
CA ILE A 83 -5.69 11.83 -27.46
C ILE A 83 -4.25 11.43 -27.20
N ILE A 84 -4.04 10.22 -26.68
CA ILE A 84 -2.71 9.63 -26.55
C ILE A 84 -2.79 8.15 -26.96
N SER A 85 -1.80 7.67 -27.69
CA SER A 85 -1.76 6.23 -27.98
C SER A 85 -0.70 5.49 -27.19
N GLU A 86 -1.04 4.28 -26.78
CA GLU A 86 -0.09 3.29 -26.26
C GLU A 86 0.44 3.52 -24.82
N HIS A 87 0.78 4.75 -24.46
CA HIS A 87 1.24 5.00 -23.11
C HIS A 87 0.43 6.12 -22.44
N ALA A 88 -0.89 6.06 -22.64
CA ALA A 88 -1.78 7.13 -22.21
C ALA A 88 -1.72 7.45 -20.71
N LEU A 89 -1.87 6.45 -19.86
CA LEU A 89 -1.95 6.73 -18.42
C LEU A 89 -0.65 7.31 -17.88
N GLU A 90 0.48 6.74 -18.31
CA GLU A 90 1.80 7.29 -17.97
C GLU A 90 1.94 8.74 -18.44
N THR A 91 1.45 9.04 -19.64
CA THR A 91 1.58 10.40 -20.15
C THR A 91 0.69 11.35 -19.36
N ILE A 92 -0.54 10.92 -19.08
CA ILE A 92 -1.43 11.73 -18.26
C ILE A 92 -0.84 11.96 -16.84
N LYS A 93 -0.35 10.90 -16.20
CA LYS A 93 0.23 11.06 -14.88
C LYS A 93 1.32 12.14 -14.90
N LYS A 94 2.22 12.05 -15.88
CA LYS A 94 3.34 12.99 -15.98
C LYS A 94 2.96 14.46 -16.10
N HIS A 95 2.00 14.79 -16.97
CA HIS A 95 1.64 16.19 -17.18
C HIS A 95 0.48 16.66 -16.31
N PHE A 96 -0.39 15.74 -15.90
CA PHE A 96 -1.60 16.15 -15.19
C PHE A 96 -1.63 15.82 -13.69
N ALA A 97 -0.90 14.78 -13.28
CA ALA A 97 -1.04 14.29 -11.89
C ALA A 97 -0.34 15.13 -10.83
N SER A 98 -1.12 15.54 -9.83
CA SER A 98 -0.69 16.25 -8.59
C SER A 98 -0.81 17.77 -8.63
N LYS B 6 18.56 9.41 -9.56
CA LYS B 6 18.84 8.04 -9.99
C LYS B 6 17.54 7.24 -9.98
N LEU B 7 17.22 6.64 -11.12
CA LEU B 7 15.97 5.92 -11.31
C LEU B 7 16.25 4.45 -11.61
N GLN B 8 17.52 4.13 -11.76
CA GLN B 8 17.93 2.76 -11.99
C GLN B 8 18.81 2.32 -10.83
N PHE B 9 18.48 1.18 -10.23
CA PHE B 9 19.23 0.70 -9.08
C PHE B 9 19.47 -0.78 -9.21
N VAL B 10 20.58 -1.23 -8.64
CA VAL B 10 20.84 -2.64 -8.41
C VAL B 10 20.86 -2.93 -6.92
N LEU B 11 19.96 -3.79 -6.48
CA LEU B 11 19.79 -4.09 -5.06
C LEU B 11 20.20 -5.52 -4.81
N ARG B 12 21.10 -5.72 -3.85
CA ARG B 12 21.49 -7.09 -3.47
C ARG B 12 20.73 -7.63 -2.28
N PHE B 13 20.34 -8.89 -2.39
CA PHE B 13 19.63 -9.62 -1.35
C PHE B 13 20.52 -10.75 -0.86
N GLY B 14 20.67 -10.85 0.45
CA GLY B 14 21.47 -11.90 1.03
C GLY B 14 20.89 -13.30 0.82
N ASP B 15 19.56 -13.40 0.73
CA ASP B 15 18.94 -14.70 0.48
C ASP B 15 17.59 -14.60 -0.23
N PHE B 16 17.26 -15.67 -0.94
CA PHE B 16 16.04 -15.72 -1.71
C PHE B 16 14.82 -15.33 -0.91
N GLU B 17 14.78 -15.73 0.37
CA GLU B 17 13.58 -15.50 1.19
C GLU B 17 13.31 -14.02 1.35
N ASP B 18 14.35 -13.21 1.30
CA ASP B 18 14.17 -11.76 1.37
C ASP B 18 13.55 -11.20 0.10
N VAL B 19 13.84 -11.82 -1.04
CA VAL B 19 13.21 -11.40 -2.30
C VAL B 19 11.71 -11.69 -2.24
N ILE B 20 11.37 -12.90 -1.80
CA ILE B 20 9.99 -13.30 -1.63
C ILE B 20 9.23 -12.34 -0.68
N SER B 21 9.82 -12.07 0.49
CA SER B 21 9.20 -11.19 1.45
C SER B 21 8.86 -9.86 0.82
N LEU B 22 9.82 -9.30 0.08
CA LEU B 22 9.63 -8.03 -0.61
C LEU B 22 8.48 -8.13 -1.59
N SER B 23 8.44 -9.22 -2.35
CA SER B 23 7.35 -9.41 -3.31
C SER B 23 5.98 -9.39 -2.62
N LYS B 24 5.91 -9.93 -1.39
CA LYS B 24 4.64 -10.00 -0.62
C LYS B 24 4.09 -8.64 -0.25
N LEU B 25 4.99 -7.66 -0.12
CA LEU B 25 4.64 -6.33 0.35
C LEU B 25 3.91 -5.52 -0.68
N ASN B 26 3.81 -6.05 -1.90
CA ASN B 26 3.08 -5.34 -2.94
C ASN B 26 3.62 -3.93 -3.18
N VAL B 27 4.94 -3.83 -3.31
CA VAL B 27 5.56 -2.56 -3.65
C VAL B 27 5.58 -2.46 -5.17
N ASN B 28 4.52 -1.85 -5.72
CA ASN B 28 4.23 -1.95 -7.16
C ASN B 28 4.44 -0.69 -8.00
N GLY B 29 4.67 -0.89 -9.30
CA GLY B 29 4.80 0.21 -10.24
C GLY B 29 6.07 0.20 -11.10
N SER B 30 7.22 -0.13 -10.49
CA SER B 30 8.51 -0.12 -11.18
C SER B 30 8.71 -1.36 -12.03
N LYS B 31 9.77 -1.35 -12.85
CA LYS B 31 10.18 -2.55 -13.55
C LYS B 31 11.27 -3.23 -12.73
N THR B 32 11.20 -4.55 -12.61
CA THR B 32 12.17 -5.26 -11.83
C THR B 32 12.64 -6.50 -12.57
N THR B 33 13.95 -6.69 -12.58
CA THR B 33 14.59 -7.85 -13.17
C THR B 33 15.39 -8.59 -12.08
N LEU B 34 15.23 -9.91 -11.99
CA LEU B 34 15.92 -10.68 -10.94
C LEU B 34 17.02 -11.54 -11.53
N TYR B 35 18.23 -11.38 -10.97
CA TYR B 35 19.39 -12.22 -11.27
C TYR B 35 19.87 -12.92 -9.99
N SER B 36 20.58 -14.04 -10.15
CA SER B 36 21.38 -14.58 -9.08
C SER B 36 22.83 -14.42 -9.47
N PHE B 37 23.68 -14.16 -8.49
CA PHE B 37 25.10 -13.98 -8.74
C PHE B 37 25.87 -14.19 -7.43
N GLU B 38 26.84 -15.10 -7.48
CA GLU B 38 27.75 -15.41 -6.36
C GLU B 38 27.08 -15.45 -4.98
N ASN B 39 26.14 -16.37 -4.81
CA ASN B 39 25.55 -16.61 -3.49
C ASN B 39 24.50 -15.58 -3.09
N ARG B 40 24.30 -14.57 -3.92
CA ARG B 40 23.34 -13.53 -3.63
C ARG B 40 22.35 -13.38 -4.78
N TYR B 41 21.26 -12.66 -4.51
CA TYR B 41 20.26 -12.36 -5.52
C TYR B 41 20.24 -10.85 -5.74
N TYR B 42 20.05 -10.45 -6.98
CA TYR B 42 20.05 -9.02 -7.31
C TYR B 42 18.78 -8.62 -8.07
N LEU B 43 18.14 -7.53 -7.62
CA LEU B 43 17.04 -6.97 -8.35
C LEU B 43 17.53 -5.76 -9.08
N TYR B 44 17.32 -5.71 -10.39
CA TYR B 44 17.56 -4.49 -11.11
C TYR B 44 16.25 -3.72 -11.21
N VAL B 45 16.19 -2.55 -10.59
CA VAL B 45 14.97 -1.81 -10.48
C VAL B 45 14.98 -0.58 -11.38
N ASP B 46 13.98 -0.48 -12.25
CA ASP B 46 13.86 0.67 -13.13
C ASP B 46 12.60 1.42 -12.72
N PHE B 47 12.75 2.63 -12.21
CA PHE B 47 11.63 3.41 -11.71
C PHE B 47 11.12 4.37 -12.78
N CYS B 48 11.28 3.99 -14.04
CA CYS B 48 11.08 4.89 -15.19
C CYS B 48 9.98 5.95 -15.06
N ASP B 49 8.76 5.54 -14.76
CA ASP B 49 7.65 6.49 -14.75
C ASP B 49 7.15 6.81 -13.34
N MET B 50 8.11 6.96 -12.41
CA MET B 50 7.82 7.13 -10.98
C MET B 50 8.29 8.51 -10.59
N THR B 51 7.57 9.20 -9.71
CA THR B 51 8.02 10.53 -9.27
C THR B 51 9.17 10.39 -8.27
N ASP B 52 9.92 11.48 -8.05
CA ASP B 52 11.04 11.41 -7.12
C ASP B 52 10.56 11.01 -5.73
N GLU B 53 9.34 11.40 -5.42
CA GLU B 53 8.73 11.07 -4.14
C GLU B 53 8.42 9.59 -4.05
N GLU B 54 7.76 9.08 -5.08
CA GLU B 54 7.39 7.67 -5.15
C GLU B 54 8.64 6.79 -5.10
N VAL B 55 9.68 7.19 -5.82
CA VAL B 55 10.96 6.47 -5.78
C VAL B 55 11.51 6.36 -4.35
N GLU B 56 11.58 7.49 -3.65
CA GLU B 56 12.13 7.49 -2.30
C GLU B 56 11.36 6.56 -1.39
N ASN B 57 10.03 6.62 -1.48
CA ASN B 57 9.17 5.80 -0.64
C ASN B 57 9.26 4.30 -0.92
N GLN B 58 9.39 3.94 -2.19
CA GLN B 58 9.52 2.52 -2.54
C GLN B 58 10.91 2.01 -2.23
N LEU B 59 11.90 2.88 -2.41
CA LEU B 59 13.28 2.50 -2.14
C LEU B 59 13.45 2.14 -0.66
N SER B 60 12.91 2.96 0.23
CA SER B 60 13.10 2.74 1.66
C SER B 60 12.49 1.42 2.12
N ILE B 61 11.40 1.01 1.49
CA ILE B 61 10.82 -0.32 1.77
C ILE B 61 11.68 -1.43 1.20
N MET B 62 12.08 -1.26 -0.06
CA MET B 62 12.94 -2.25 -0.72
C MET B 62 14.21 -2.42 0.08
N LEU B 63 14.74 -1.32 0.63
CA LEU B 63 16.00 -1.38 1.37
C LEU B 63 15.95 -2.03 2.77
N GLU B 64 14.79 -2.52 3.19
CA GLU B 64 14.73 -3.30 4.41
C GLU B 64 15.05 -4.75 4.14
N TYR B 65 15.03 -5.14 2.86
CA TYR B 65 15.34 -6.52 2.52
C TYR B 65 16.59 -6.64 1.69
N ALA B 66 17.12 -5.49 1.28
CA ALA B 66 18.24 -5.47 0.38
C ALA B 66 19.11 -4.26 0.65
N ASN B 67 20.33 -4.32 0.16
CA ASN B 67 21.21 -3.16 0.22
C ASN B 67 21.53 -2.63 -1.18
N GLU B 68 21.64 -1.32 -1.29
CA GLU B 68 22.07 -0.76 -2.56
C GLU B 68 23.43 -1.36 -2.91
N SER B 69 23.56 -1.83 -4.14
CA SER B 69 24.81 -2.43 -4.56
C SER B 69 25.52 -1.60 -5.62
N SER B 70 26.85 -1.74 -5.65
CA SER B 70 27.66 -1.08 -6.63
C SER B 70 27.98 -2.04 -7.78
N ILE B 71 27.55 -3.30 -7.67
CA ILE B 71 27.76 -4.22 -8.79
C ILE B 71 27.03 -3.67 -10.01
N SER B 72 27.74 -3.61 -11.13
CA SER B 72 27.23 -3.05 -12.37
C SER B 72 26.17 -3.94 -13.02
N ILE B 73 25.19 -3.35 -13.72
CA ILE B 73 24.20 -4.15 -14.42
C ILE B 73 24.84 -4.96 -15.54
N HIS B 74 25.94 -4.45 -16.09
CA HIS B 74 26.61 -5.15 -17.17
C HIS B 74 27.32 -6.42 -16.65
N ARG B 75 27.83 -6.35 -15.44
CA ARG B 75 28.37 -7.52 -14.76
C ARG B 75 27.30 -8.60 -14.52
N LEU B 76 26.12 -8.19 -14.06
CA LEU B 76 25.00 -9.13 -13.90
C LEU B 76 24.54 -9.76 -15.22
N GLU B 77 24.47 -8.94 -16.27
CA GLU B 77 24.06 -9.46 -17.57
C GLU B 77 25.01 -10.53 -18.09
N GLU B 78 26.30 -10.28 -17.89
CA GLU B 78 27.32 -11.13 -18.51
C GLU B 78 27.56 -12.41 -17.73
N TYR B 79 27.52 -12.32 -16.41
CA TYR B 79 27.93 -13.43 -15.54
C TYR B 79 26.88 -13.93 -14.54
N GLY B 80 25.75 -13.24 -14.45
CA GLY B 80 24.67 -13.70 -13.60
C GLY B 80 23.77 -14.66 -14.35
N LYS B 81 22.90 -15.31 -13.61
CA LYS B 81 21.87 -16.12 -14.19
C LYS B 81 20.61 -15.27 -14.17
N LEU B 82 20.06 -14.99 -15.35
CA LEU B 82 18.85 -14.18 -15.41
C LEU B 82 17.70 -15.09 -14.98
N ILE B 83 16.91 -14.65 -14.01
CA ILE B 83 15.84 -15.51 -13.47
C ILE B 83 14.49 -15.09 -14.01
N ILE B 84 14.12 -13.82 -13.79
CA ILE B 84 12.93 -13.23 -14.38
C ILE B 84 13.26 -11.83 -14.90
N SER B 85 12.88 -11.50 -16.13
CA SER B 85 13.09 -10.12 -16.56
C SER B 85 11.80 -9.28 -16.47
N GLU B 86 11.96 -8.00 -16.10
CA GLU B 86 10.93 -6.93 -16.12
C GLU B 86 9.75 -7.00 -15.14
N HIS B 87 9.19 -8.18 -14.91
CA HIS B 87 8.11 -8.30 -13.95
C HIS B 87 8.48 -9.28 -12.83
N ALA B 88 9.68 -9.12 -12.28
CA ALA B 88 10.20 -10.13 -11.38
C ALA B 88 9.43 -10.23 -10.06
N LEU B 89 9.13 -9.12 -9.41
CA LEU B 89 8.47 -9.19 -8.11
C LEU B 89 7.03 -9.72 -8.24
N GLU B 90 6.34 -9.35 -9.31
CA GLU B 90 4.99 -9.86 -9.52
C GLU B 90 5.00 -11.38 -9.70
N THR B 91 6.00 -11.88 -10.40
CA THR B 91 6.09 -13.32 -10.61
C THR B 91 6.51 -14.10 -9.37
N ILE B 92 7.54 -13.61 -8.68
CA ILE B 92 7.94 -14.17 -7.38
C ILE B 92 6.75 -14.21 -6.43
N LYS B 93 6.03 -13.09 -6.34
CA LYS B 93 4.82 -13.09 -5.50
C LYS B 93 3.87 -14.21 -5.96
N LYS B 94 3.55 -14.23 -7.25
CA LYS B 94 2.61 -15.24 -7.75
C LYS B 94 2.98 -16.68 -7.35
N HIS B 95 4.24 -17.05 -7.57
CA HIS B 95 4.68 -18.40 -7.33
C HIS B 95 5.07 -18.71 -5.88
N PHE B 96 5.66 -17.76 -5.17
CA PHE B 96 6.27 -18.06 -3.86
C PHE B 96 5.59 -17.52 -2.63
N ALA B 97 4.83 -16.44 -2.79
CA ALA B 97 4.26 -15.75 -1.64
C ALA B 97 2.97 -16.38 -1.11
N SER B 98 2.92 -16.51 0.21
CA SER B 98 1.74 -16.89 1.01
C SER B 98 1.49 -18.41 1.11
N LYS C 6 5.39 12.52 15.26
CA LYS C 6 5.58 11.07 15.17
C LYS C 6 6.04 10.48 16.50
N LEU C 7 5.09 10.14 17.36
CA LEU C 7 5.39 9.42 18.59
C LEU C 7 5.13 7.96 18.33
N GLN C 8 5.12 7.59 17.04
CA GLN C 8 4.74 6.25 16.63
C GLN C 8 5.80 5.66 15.69
N PHE C 9 6.29 4.47 16.02
CA PHE C 9 7.35 3.83 15.27
C PHE C 9 7.01 2.39 15.01
N VAL C 10 7.51 1.84 13.91
CA VAL C 10 7.47 0.40 13.71
C VAL C 10 8.87 -0.14 13.80
N LEU C 11 9.07 -1.05 14.74
CA LEU C 11 10.38 -1.64 15.00
C LEU C 11 10.41 -3.10 14.49
N ARG C 12 11.48 -3.49 13.82
CA ARG C 12 11.56 -4.86 13.29
C ARG C 12 12.61 -5.69 14.03
N PHE C 13 12.28 -6.94 14.34
CA PHE C 13 13.16 -7.84 15.10
C PHE C 13 13.47 -9.05 14.24
N GLY C 14 14.74 -9.43 14.20
CA GLY C 14 15.17 -10.61 13.46
C GLY C 14 14.61 -11.91 14.01
N ASP C 15 14.68 -12.08 15.33
CA ASP C 15 14.11 -13.27 15.95
C ASP C 15 13.30 -12.97 17.19
N PHE C 16 12.40 -13.89 17.52
CA PHE C 16 11.51 -13.76 18.66
C PHE C 16 12.25 -13.53 19.97
N GLU C 17 13.44 -14.13 20.11
CA GLU C 17 14.15 -14.04 21.39
C GLU C 17 14.53 -12.59 21.73
N ASP C 18 14.70 -11.73 20.72
CA ASP C 18 14.97 -10.31 20.99
C ASP C 18 13.73 -9.54 21.49
N VAL C 19 12.55 -9.90 21.00
CA VAL C 19 11.32 -9.33 21.53
C VAL C 19 11.19 -9.69 23.02
N ILE C 20 11.44 -10.95 23.36
CA ILE C 20 11.44 -11.39 24.76
C ILE C 20 12.50 -10.62 25.59
N SER C 21 13.71 -10.49 25.04
CA SER C 21 14.78 -9.81 25.75
C SER C 21 14.39 -8.37 26.05
N LEU C 22 13.81 -7.70 25.07
CA LEU C 22 13.36 -6.33 25.22
C LEU C 22 12.28 -6.21 26.31
N SER C 23 11.34 -7.17 26.30
CA SER C 23 10.21 -7.10 27.23
C SER C 23 10.70 -7.18 28.68
N LYS C 24 11.82 -7.87 28.88
CA LYS C 24 12.39 -8.09 30.20
C LYS C 24 12.92 -6.78 30.78
N LEU C 25 13.13 -5.80 29.91
CA LEU C 25 13.75 -4.54 30.31
C LEU C 25 12.78 -3.53 30.93
N ASN C 26 11.50 -3.87 30.92
CA ASN C 26 10.47 -2.92 31.36
C ASN C 26 10.66 -1.55 30.74
N VAL C 27 10.79 -1.50 29.42
CA VAL C 27 10.81 -0.24 28.67
C VAL C 27 9.41 -0.02 28.12
N ASN C 28 9.11 -0.62 26.98
CA ASN C 28 7.74 -0.73 26.41
C ASN C 28 6.82 0.49 26.31
N GLY C 29 7.36 1.69 26.50
CA GLY C 29 6.50 2.87 26.55
C GLY C 29 5.93 3.23 25.20
N SER C 30 4.61 3.40 25.09
CA SER C 30 3.70 3.09 26.19
C SER C 30 2.58 2.21 25.67
N LYS C 31 2.15 2.46 24.44
CA LYS C 31 1.32 1.51 23.72
C LYS C 31 2.22 0.72 22.76
N THR C 32 2.20 -0.61 22.86
CA THR C 32 2.93 -1.48 21.95
C THR C 32 2.02 -2.54 21.41
N THR C 33 2.14 -2.81 20.11
CA THR C 33 1.38 -3.86 19.46
C THR C 33 2.32 -4.75 18.66
N LEU C 34 2.20 -6.07 18.81
CA LEU C 34 3.11 -6.98 18.14
C LEU C 34 2.52 -7.74 16.92
N TYR C 35 3.24 -7.67 15.81
CA TYR C 35 2.92 -8.36 14.56
C TYR C 35 4.06 -9.29 14.17
N SER C 36 3.76 -10.27 13.32
CA SER C 36 4.82 -10.92 12.56
C SER C 36 4.53 -10.79 11.07
N PHE C 37 5.59 -10.74 10.28
CA PHE C 37 5.46 -10.82 8.84
C PHE C 37 6.66 -11.56 8.31
N GLU C 38 6.40 -12.61 7.53
CA GLU C 38 7.48 -13.43 6.96
C GLU C 38 8.66 -13.65 7.90
N ASN C 39 8.40 -14.19 9.10
CA ASN C 39 9.50 -14.61 9.96
C ASN C 39 10.36 -13.46 10.53
N ARG C 40 9.82 -12.26 10.55
CA ARG C 40 10.32 -11.18 11.39
C ARG C 40 9.16 -10.69 12.24
N TYR C 41 9.46 -10.07 13.37
CA TYR C 41 8.43 -9.56 14.26
C TYR C 41 8.47 -8.04 14.28
N TYR C 42 7.32 -7.42 14.47
CA TYR C 42 7.21 -5.99 14.33
C TYR C 42 6.50 -5.45 15.55
N LEU C 43 7.12 -4.50 16.23
CA LEU C 43 6.49 -3.86 17.37
C LEU C 43 6.07 -2.50 16.90
N TYR C 44 4.78 -2.26 16.86
CA TYR C 44 4.29 -0.91 16.69
C TYR C 44 4.33 -0.25 18.07
N VAL C 45 5.13 0.80 18.20
CA VAL C 45 5.27 1.51 19.45
C VAL C 45 4.58 2.86 19.38
N ASP C 46 3.67 3.11 20.31
CA ASP C 46 3.03 4.41 20.39
C ASP C 46 3.54 5.10 21.66
N PHE C 47 4.29 6.18 21.47
CA PHE C 47 4.91 6.90 22.57
C PHE C 47 4.06 8.08 23.02
N CYS C 48 2.77 8.08 22.67
CA CYS C 48 1.89 9.18 23.07
C CYS C 48 1.89 9.28 24.58
N ASP C 49 1.95 10.51 25.09
CA ASP C 49 1.98 10.75 26.54
C ASP C 49 3.39 10.53 27.10
N MET C 50 4.41 10.77 26.26
CA MET C 50 5.79 10.55 26.65
C MET C 50 6.66 11.76 26.30
N THR C 51 7.53 12.13 27.22
CA THR C 51 8.45 13.26 27.03
C THR C 51 9.29 13.02 25.80
N ASP C 52 9.90 14.07 25.26
CA ASP C 52 10.82 13.90 24.15
C ASP C 52 12.02 13.07 24.61
N GLU C 53 12.59 13.45 25.75
CA GLU C 53 13.68 12.70 26.38
C GLU C 53 13.31 11.25 26.57
N GLU C 54 12.09 11.01 27.05
CA GLU C 54 11.65 9.65 27.28
C GLU C 54 11.66 8.85 25.98
N VAL C 55 11.15 9.45 24.91
CA VAL C 55 11.15 8.79 23.61
C VAL C 55 12.57 8.42 23.20
N GLU C 56 13.49 9.37 23.24
CA GLU C 56 14.84 9.09 22.75
C GLU C 56 15.65 8.11 23.64
N ASN C 57 15.36 8.05 24.93
CA ASN C 57 16.04 7.05 25.77
C ASN C 57 15.47 5.65 25.56
N GLN C 58 14.15 5.54 25.52
CA GLN C 58 13.51 4.26 25.31
C GLN C 58 13.83 3.69 23.92
N LEU C 59 13.89 4.55 22.91
CA LEU C 59 14.20 4.13 21.56
C LEU C 59 15.65 3.62 21.47
N SER C 60 16.58 4.37 22.06
CA SER C 60 17.97 3.92 22.12
C SER C 60 18.08 2.55 22.77
N ILE C 61 17.24 2.27 23.76
CA ILE C 61 17.23 0.95 24.35
C ILE C 61 16.62 -0.08 23.38
N MET C 62 15.44 0.23 22.84
CA MET C 62 14.77 -0.67 21.89
C MET C 62 15.66 -0.98 20.67
N LEU C 63 16.39 0.02 20.20
CA LEU C 63 17.19 -0.17 18.98
C LEU C 63 18.45 -1.02 19.19
N GLU C 64 18.60 -1.58 20.37
CA GLU C 64 19.64 -2.57 20.61
C GLU C 64 19.10 -3.96 20.32
N TYR C 65 17.81 -4.07 20.06
CA TYR C 65 17.24 -5.37 19.80
C TYR C 65 16.53 -5.38 18.47
N ALA C 66 16.48 -4.24 17.82
CA ALA C 66 15.64 -4.11 16.65
C ALA C 66 16.12 -2.96 15.80
N ASN C 67 15.59 -2.91 14.57
CA ASN C 67 15.87 -1.84 13.63
C ASN C 67 14.61 -1.04 13.38
N GLU C 68 14.79 0.22 13.03
CA GLU C 68 13.65 1.01 12.59
C GLU C 68 13.13 0.44 11.28
N SER C 69 11.82 0.55 11.06
CA SER C 69 11.22 0.02 9.85
C SER C 69 10.28 0.98 9.12
N SER C 70 10.36 0.95 7.80
CA SER C 70 9.54 1.80 6.94
C SER C 70 8.23 1.12 6.56
N ILE C 71 8.04 -0.11 7.02
CA ILE C 71 6.77 -0.80 6.84
C ILE C 71 5.77 -0.22 7.81
N SER C 72 4.71 0.38 7.27
CA SER C 72 3.66 1.04 8.05
C SER C 72 2.78 0.03 8.76
N ILE C 73 2.17 0.46 9.85
CA ILE C 73 1.32 -0.45 10.59
C ILE C 73 0.16 -0.96 9.71
N HIS C 74 -0.37 -0.10 8.86
CA HIS C 74 -1.46 -0.56 7.99
C HIS C 74 -1.02 -1.69 7.07
N ARG C 75 0.16 -1.55 6.46
CA ARG C 75 0.74 -2.64 5.69
C ARG C 75 0.87 -3.95 6.47
N LEU C 76 1.26 -3.85 7.74
CA LEU C 76 1.30 -5.02 8.61
C LEU C 76 -0.12 -5.57 8.79
N GLU C 77 -1.08 -4.67 8.95
CA GLU C 77 -2.48 -5.10 9.04
C GLU C 77 -2.88 -5.84 7.77
N GLU C 78 -2.37 -5.36 6.63
CA GLU C 78 -2.66 -5.97 5.34
C GLU C 78 -2.06 -7.37 5.18
N TYR C 79 -0.76 -7.48 5.45
CA TYR C 79 -0.02 -8.69 5.04
C TYR C 79 0.53 -9.52 6.21
N GLY C 80 0.64 -8.91 7.39
CA GLY C 80 1.17 -9.61 8.54
C GLY C 80 0.14 -10.26 9.46
N LYS C 81 0.61 -10.84 10.55
CA LYS C 81 -0.25 -11.51 11.51
C LYS C 81 -0.24 -10.72 12.79
N LEU C 82 -1.42 -10.33 13.27
CA LEU C 82 -1.53 -9.63 14.54
C LEU C 82 -1.41 -10.66 15.66
N ILE C 83 -0.50 -10.41 16.59
CA ILE C 83 -0.19 -11.37 17.65
C ILE C 83 -0.78 -10.90 18.98
N ILE C 84 -0.46 -9.67 19.39
CA ILE C 84 -0.99 -9.08 20.62
C ILE C 84 -1.20 -7.60 20.39
N SER C 85 -2.35 -7.06 20.80
CA SER C 85 -2.60 -5.61 20.65
C SER C 85 -2.46 -4.84 21.96
N GLU C 86 -2.07 -3.58 21.85
CA GLU C 86 -2.01 -2.68 23.00
C GLU C 86 -1.00 -2.98 24.11
N HIS C 87 -0.98 -4.22 24.62
CA HIS C 87 -0.15 -4.52 25.79
C HIS C 87 0.97 -5.52 25.45
N ALA C 88 1.58 -5.36 24.28
CA ALA C 88 2.43 -6.40 23.70
C ALA C 88 3.60 -6.81 24.61
N LEU C 89 4.44 -5.86 24.97
CA LEU C 89 5.62 -6.20 25.79
C LEU C 89 5.28 -6.75 27.19
N GLU C 90 4.19 -6.27 27.79
CA GLU C 90 3.79 -6.80 29.10
C GLU C 90 3.36 -8.25 29.00
N THR C 91 2.49 -8.55 28.02
CA THR C 91 2.09 -9.91 27.78
C THR C 91 3.29 -10.81 27.49
N ILE C 92 4.21 -10.32 26.65
CA ILE C 92 5.34 -11.14 26.28
C ILE C 92 6.12 -11.41 27.55
N LYS C 93 6.38 -10.36 28.33
CA LYS C 93 7.09 -10.49 29.59
C LYS C 93 6.36 -11.45 30.51
N LYS C 94 5.09 -11.18 30.76
CA LYS C 94 4.29 -12.07 31.60
C LYS C 94 4.46 -13.55 31.19
N HIS C 95 4.30 -13.87 29.90
CA HIS C 95 4.34 -15.27 29.45
C HIS C 95 5.72 -15.86 29.10
N PHE C 96 6.65 -15.04 28.65
CA PHE C 96 7.87 -15.61 28.08
C PHE C 96 9.14 -15.29 28.87
N ALA C 97 9.06 -14.27 29.71
CA ALA C 97 10.27 -13.81 30.39
C ALA C 97 10.63 -14.66 31.63
N SER C 98 11.93 -14.78 31.88
CA SER C 98 12.44 -15.46 33.08
C SER C 98 11.98 -16.92 33.16
N LYS D 6 -12.91 -10.38 7.28
CA LYS D 6 -13.61 -9.21 6.77
C LYS D 6 -13.90 -8.18 7.88
N LEU D 7 -12.89 -7.88 8.69
CA LEU D 7 -13.05 -6.93 9.78
C LEU D 7 -12.53 -5.56 9.40
N GLN D 8 -11.70 -5.50 8.37
CA GLN D 8 -11.08 -4.24 7.98
C GLN D 8 -11.42 -3.84 6.55
N PHE D 9 -12.07 -2.68 6.41
CA PHE D 9 -12.59 -2.20 5.13
C PHE D 9 -12.01 -0.83 4.81
N VAL D 10 -11.88 -0.53 3.52
CA VAL D 10 -11.67 0.84 3.06
C VAL D 10 -12.95 1.27 2.37
N LEU D 11 -13.53 2.38 2.80
CA LEU D 11 -14.75 2.94 2.20
C LEU D 11 -14.47 4.29 1.56
N ARG D 12 -15.10 4.55 0.42
CA ARG D 12 -14.87 5.80 -0.31
C ARG D 12 -16.12 6.67 -0.35
N PHE D 13 -15.93 7.96 -0.13
CA PHE D 13 -17.02 8.93 -0.18
C PHE D 13 -16.74 9.92 -1.29
N GLY D 14 -17.76 10.20 -2.09
CA GLY D 14 -17.68 11.24 -3.10
C GLY D 14 -17.53 12.66 -2.56
N ASP D 15 -18.05 12.92 -1.37
CA ASP D 15 -17.81 14.23 -0.78
C ASP D 15 -17.80 14.30 0.74
N PHE D 16 -17.15 15.35 1.22
CA PHE D 16 -16.95 15.50 2.63
C PHE D 16 -18.25 15.46 3.42
N GLU D 17 -19.32 16.06 2.89
CA GLU D 17 -20.58 16.15 3.64
C GLU D 17 -21.08 14.76 4.05
N ASP D 18 -20.84 13.75 3.20
CA ASP D 18 -21.24 12.39 3.54
C ASP D 18 -20.42 11.82 4.69
N VAL D 19 -19.18 12.27 4.82
CA VAL D 19 -18.40 11.85 5.98
C VAL D 19 -19.03 12.46 7.25
N ILE D 20 -19.32 13.75 7.22
CA ILE D 20 -19.93 14.39 8.38
C ILE D 20 -21.23 13.68 8.73
N SER D 21 -22.06 13.43 7.71
CA SER D 21 -23.34 12.76 7.95
C SER D 21 -23.17 11.41 8.63
N LEU D 22 -22.15 10.65 8.22
CA LEU D 22 -21.92 9.32 8.75
C LEU D 22 -21.50 9.44 10.20
N SER D 23 -20.54 10.34 10.46
CA SER D 23 -20.01 10.55 11.81
C SER D 23 -21.12 10.89 12.82
N LYS D 24 -22.14 11.59 12.31
CA LYS D 24 -23.23 12.12 13.13
C LYS D 24 -24.16 11.01 13.59
N LEU D 25 -24.03 9.84 12.97
CA LEU D 25 -24.90 8.72 13.31
C LEU D 25 -24.40 7.97 14.54
N ASN D 26 -23.32 8.49 15.14
CA ASN D 26 -22.56 7.78 16.16
C ASN D 26 -22.20 6.38 15.72
N VAL D 27 -22.75 5.95 14.58
CA VAL D 27 -22.26 4.74 13.96
C VAL D 27 -20.83 5.09 13.62
N ASN D 28 -19.92 4.53 14.39
CA ASN D 28 -18.50 4.73 14.12
C ASN D 28 -18.00 3.44 13.50
N GLY D 29 -17.05 2.82 14.18
CA GLY D 29 -16.65 1.46 13.89
C GLY D 29 -16.01 1.07 15.21
N SER D 30 -14.91 0.33 15.15
CA SER D 30 -14.06 0.34 16.32
C SER D 30 -13.11 1.49 16.07
N LYS D 31 -12.13 1.26 15.20
CA LYS D 31 -11.21 2.30 14.82
C LYS D 31 -11.52 2.81 13.41
N THR D 32 -11.47 4.12 13.25
CA THR D 32 -11.65 4.70 11.95
C THR D 32 -10.50 5.67 11.67
N THR D 33 -9.95 5.61 10.45
CA THR D 33 -8.96 6.56 9.97
C THR D 33 -9.47 7.22 8.69
N LEU D 34 -9.40 8.55 8.60
CA LEU D 34 -9.85 9.31 7.44
C LEU D 34 -8.66 9.75 6.58
N TYR D 35 -8.73 9.43 5.29
CA TYR D 35 -7.77 9.91 4.30
C TYR D 35 -8.55 10.64 3.25
N SER D 36 -7.88 11.48 2.48
CA SER D 36 -8.41 11.90 1.20
C SER D 36 -7.39 11.59 0.12
N PHE D 37 -7.87 11.35 -1.09
CA PHE D 37 -6.99 11.21 -2.25
C PHE D 37 -7.77 11.65 -3.49
N GLU D 38 -7.17 12.53 -4.28
CA GLU D 38 -7.81 13.04 -5.50
C GLU D 38 -9.31 13.31 -5.36
N ASN D 39 -9.67 14.31 -4.57
CA ASN D 39 -11.08 14.75 -4.46
C ASN D 39 -12.05 13.75 -3.84
N ARG D 40 -11.54 12.68 -3.24
CA ARG D 40 -12.43 11.74 -2.58
C ARG D 40 -11.91 11.51 -1.19
N TYR D 41 -12.80 11.08 -0.31
CA TYR D 41 -12.43 10.76 1.04
C TYR D 41 -12.55 9.27 1.23
N TYR D 42 -11.70 8.71 2.08
CA TYR D 42 -11.67 7.29 2.34
C TYR D 42 -11.62 7.08 3.83
N LEU D 43 -12.46 6.17 4.30
CA LEU D 43 -12.40 5.73 5.69
C LEU D 43 -11.79 4.36 5.71
N TYR D 44 -10.75 4.18 6.51
CA TYR D 44 -10.28 2.86 6.77
C TYR D 44 -10.97 2.43 8.06
N VAL D 45 -11.76 1.36 7.98
CA VAL D 45 -12.54 0.91 9.13
C VAL D 45 -12.04 -0.42 9.69
N ASP D 46 -11.70 -0.43 10.97
CA ASP D 46 -11.36 -1.69 11.64
C ASP D 46 -12.42 -2.03 12.68
N PHE D 47 -13.12 -3.14 12.48
CA PHE D 47 -14.19 -3.57 13.40
C PHE D 47 -13.65 -4.39 14.59
N CYS D 48 -12.56 -5.11 14.37
CA CYS D 48 -11.92 -6.01 15.36
C CYS D 48 -12.64 -6.22 16.70
N ASP D 49 -13.06 -7.47 16.93
CA ASP D 49 -13.76 -7.89 18.15
C ASP D 49 -15.24 -7.53 18.15
N MET D 50 -15.67 -6.82 17.09
CA MET D 50 -17.08 -6.49 16.88
C MET D 50 -17.84 -7.73 16.38
N THR D 51 -19.10 -7.85 16.77
CA THR D 51 -19.88 -9.05 16.47
C THR D 51 -20.12 -9.26 14.98
N ASP D 52 -20.18 -10.54 14.60
CA ASP D 52 -20.52 -10.92 13.24
C ASP D 52 -21.87 -10.36 12.82
N GLU D 53 -22.56 -9.74 13.77
CA GLU D 53 -23.90 -9.18 13.54
C GLU D 53 -23.87 -7.66 13.49
N GLU D 54 -23.36 -7.06 14.56
CA GLU D 54 -23.16 -5.62 14.62
C GLU D 54 -22.45 -5.16 13.35
N VAL D 55 -21.36 -5.84 13.02
CA VAL D 55 -20.60 -5.54 11.81
C VAL D 55 -21.49 -5.46 10.58
N GLU D 56 -22.32 -6.49 10.37
CA GLU D 56 -23.26 -6.49 9.25
C GLU D 56 -24.20 -5.28 9.33
N ASN D 57 -24.56 -4.88 10.53
CA ASN D 57 -25.46 -3.75 10.73
C ASN D 57 -24.81 -2.39 10.49
N GLN D 58 -23.57 -2.25 10.95
CA GLN D 58 -22.86 -1.00 10.83
C GLN D 58 -22.45 -0.74 9.38
N LEU D 59 -22.15 -1.82 8.67
CA LEU D 59 -21.73 -1.74 7.29
C LEU D 59 -22.83 -1.18 6.38
N SER D 60 -24.04 -1.69 6.54
CA SER D 60 -25.15 -1.29 5.66
C SER D 60 -25.51 0.18 5.84
N ILE D 61 -25.36 0.68 7.07
CA ILE D 61 -25.43 2.10 7.36
C ILE D 61 -24.29 2.87 6.66
N MET D 62 -23.04 2.49 6.96
CA MET D 62 -21.89 3.14 6.32
C MET D 62 -22.04 3.13 4.80
N LEU D 63 -22.55 2.03 4.26
CA LEU D 63 -22.70 1.92 2.80
C LEU D 63 -23.86 2.77 2.22
N GLU D 64 -24.54 3.50 3.07
CA GLU D 64 -25.51 4.50 2.60
C GLU D 64 -24.83 5.82 2.27
N TYR D 65 -23.62 6.01 2.78
CA TYR D 65 -22.90 7.26 2.60
C TYR D 65 -21.65 7.06 1.78
N ALA D 66 -21.29 5.81 1.59
CA ALA D 66 -20.01 5.47 0.97
C ALA D 66 -20.11 4.15 0.24
N ASN D 67 -19.10 3.85 -0.57
CA ASN D 67 -19.00 2.58 -1.27
C ASN D 67 -17.79 1.80 -0.80
N GLU D 68 -17.82 0.49 -1.00
CA GLU D 68 -16.62 -0.31 -0.76
C GLU D 68 -15.60 0.10 -1.82
N SER D 69 -14.36 0.28 -1.39
CA SER D 69 -13.31 0.66 -2.32
C SER D 69 -12.28 -0.47 -2.44
N SER D 70 -11.68 -0.58 -3.60
CA SER D 70 -10.69 -1.61 -3.84
C SER D 70 -9.29 -1.04 -3.67
N ILE D 71 -9.21 0.28 -3.47
CA ILE D 71 -7.93 0.92 -3.22
C ILE D 71 -7.38 0.37 -1.92
N SER D 72 -6.15 -0.15 -1.95
CA SER D 72 -5.60 -0.74 -0.75
C SER D 72 -5.11 0.36 0.21
N ILE D 73 -5.19 0.06 1.50
CA ILE D 73 -4.80 1.02 2.54
C ILE D 73 -3.34 1.46 2.46
N HIS D 74 -2.43 0.57 2.11
CA HIS D 74 -1.04 0.99 2.01
C HIS D 74 -0.92 2.01 0.86
N ARG D 75 -1.60 1.74 -0.24
CA ARG D 75 -1.60 2.64 -1.38
C ARG D 75 -2.21 4.01 -1.02
N LEU D 76 -3.27 3.98 -0.20
CA LEU D 76 -3.90 5.21 0.29
C LEU D 76 -2.95 6.04 1.10
N GLU D 77 -2.16 5.35 1.93
CA GLU D 77 -1.11 5.99 2.70
C GLU D 77 -0.04 6.64 1.80
N GLU D 78 0.35 5.95 0.75
CA GLU D 78 1.42 6.47 -0.11
C GLU D 78 1.01 7.76 -0.83
N TYR D 79 -0.18 7.74 -1.44
CA TYR D 79 -0.59 8.75 -2.40
C TYR D 79 -1.58 9.80 -1.84
N GLY D 80 -2.16 9.53 -0.67
CA GLY D 80 -3.21 10.38 -0.14
C GLY D 80 -2.81 11.16 1.09
N LYS D 81 -3.69 12.03 1.56
CA LYS D 81 -3.42 12.82 2.74
C LYS D 81 -4.08 12.19 3.97
N LEU D 82 -3.28 11.93 5.00
CA LEU D 82 -3.78 11.36 6.24
C LEU D 82 -4.43 12.47 7.02
N ILE D 83 -5.73 12.37 7.29
CA ILE D 83 -6.42 13.50 7.89
C ILE D 83 -6.57 13.36 9.40
N ILE D 84 -7.19 12.27 9.84
CA ILE D 84 -7.29 11.96 11.27
C ILE D 84 -7.08 10.47 11.44
N SER D 85 -6.26 10.06 12.39
CA SER D 85 -6.04 8.63 12.58
C SER D 85 -6.76 8.04 13.80
N GLU D 86 -7.18 6.78 13.66
CA GLU D 86 -7.70 5.97 14.75
C GLU D 86 -9.07 6.31 15.33
N HIS D 87 -9.40 7.60 15.45
CA HIS D 87 -10.73 7.97 15.92
C HIS D 87 -11.38 9.02 15.00
N ALA D 88 -11.32 8.79 13.69
CA ALA D 88 -11.71 9.84 12.74
C ALA D 88 -13.18 10.22 12.85
N LEU D 89 -14.08 9.25 12.84
CA LEU D 89 -15.50 9.60 12.88
C LEU D 89 -15.88 10.40 14.13
N GLU D 90 -15.34 9.99 15.28
CA GLU D 90 -15.50 10.72 16.53
C GLU D 90 -15.01 12.16 16.39
N THR D 91 -13.83 12.34 15.82
CA THR D 91 -13.28 13.70 15.72
C THR D 91 -14.05 14.57 14.72
N ILE D 92 -14.44 13.96 13.60
CA ILE D 92 -15.31 14.66 12.66
C ILE D 92 -16.61 15.10 13.33
N LYS D 93 -17.26 14.17 14.02
CA LYS D 93 -18.56 14.47 14.63
C LYS D 93 -18.43 15.67 15.58
N LYS D 94 -17.47 15.57 16.48
CA LYS D 94 -17.10 16.61 17.44
C LYS D 94 -16.99 18.00 16.80
N HIS D 95 -16.20 18.12 15.72
CA HIS D 95 -15.97 19.44 15.13
C HIS D 95 -17.00 19.89 14.08
N PHE D 96 -17.61 18.94 13.37
CA PHE D 96 -18.45 19.28 12.20
C PHE D 96 -19.95 19.01 12.34
N ALA D 97 -20.33 18.05 13.18
CA ALA D 97 -21.74 17.65 13.22
C ALA D 97 -22.62 18.61 14.01
N SER D 98 -23.65 19.11 13.34
CA SER D 98 -24.75 19.87 13.95
C SER D 98 -24.38 21.27 14.43
#